data_1P13
#
_entry.id   1P13
#
_cell.length_a   58.384
_cell.length_b   58.793
_cell.length_c   62.662
_cell.angle_alpha   90.00
_cell.angle_beta   90.00
_cell.angle_gamma   90.00
#
_symmetry.space_group_name_H-M   'P 21 21 21'
#
loop_
_entity.id
_entity.type
_entity.pdbx_description
1 polymer 'Proto-oncogene tyrosine-protein kinase Src'
2 polymer Peptide
3 non-polymer 'CACODYLATE ION'
4 water water
#
loop_
_entity_poly.entity_id
_entity_poly.type
_entity_poly.pdbx_seq_one_letter_code
_entity_poly.pdbx_strand_id
1 'polypeptide(L)'
;AEEWYFGKITRRESERLLLNPENPRGTFLVRESETTKGAYCLSVSDFDNAKGLNVKHYKIRKLDSGGFYITSRTQFSSLQ
QLVAYYSKHADGLCHRLTNVCP
;
A,B
2 'polypeptide(L)' CD(PTR)ANFK C,D
#
# COMPACT_ATOMS: atom_id res chain seq x y z
N ALA A 1 7.95 -25.97 2.94
CA ALA A 1 6.81 -26.67 2.26
C ALA A 1 5.43 -26.27 2.80
N GLU A 2 5.42 -25.46 3.87
CA GLU A 2 4.17 -24.98 4.46
C GLU A 2 3.56 -24.02 3.45
N GLU A 3 2.36 -24.33 2.98
CA GLU A 3 1.71 -23.51 1.97
C GLU A 3 1.65 -22.04 2.42
N TRP A 4 1.51 -21.82 3.73
CA TRP A 4 1.41 -20.46 4.25
C TRP A 4 2.70 -19.70 4.57
N TYR A 5 3.87 -20.32 4.42
CA TYR A 5 5.15 -19.65 4.71
C TYR A 5 5.66 -19.01 3.42
N PHE A 6 5.89 -17.69 3.45
CA PHE A 6 6.35 -16.95 2.28
C PHE A 6 7.74 -16.35 2.46
N GLY A 7 8.50 -16.89 3.41
CA GLY A 7 9.86 -16.40 3.61
C GLY A 7 9.99 -14.91 3.85
N LYS A 8 11.01 -14.32 3.23
CA LYS A 8 11.35 -12.92 3.42
C LYS A 8 10.55 -11.90 2.55
N ILE A 9 9.35 -12.29 2.15
CA ILE A 9 8.47 -11.37 1.42
C ILE A 9 8.34 -10.08 2.25
N THR A 10 8.40 -8.93 1.57
CA THR A 10 8.31 -7.67 2.28
C THR A 10 6.89 -7.38 2.76
N ARG A 11 6.81 -6.45 3.69
CA ARG A 11 5.50 -6.04 4.20
C ARG A 11 4.64 -5.56 3.03
N ARG A 12 5.23 -4.71 2.20
CA ARG A 12 4.45 -4.16 1.12
C ARG A 12 3.97 -5.22 0.12
N GLU A 13 4.83 -6.18 -0.23
CA GLU A 13 4.42 -7.22 -1.18
C GLU A 13 3.37 -8.14 -0.54
N SER A 14 3.49 -8.36 0.76
CA SER A 14 2.53 -9.21 1.42
C SER A 14 1.15 -8.50 1.41
N GLU A 15 1.11 -7.19 1.60
CA GLU A 15 -0.21 -6.50 1.56
C GLU A 15 -0.80 -6.55 0.15
N ARG A 16 0.05 -6.37 -0.86
CA ARG A 16 -0.44 -6.43 -2.21
C ARG A 16 -1.07 -7.79 -2.50
N LEU A 17 -0.46 -8.85 -1.97
CA LEU A 17 -1.01 -10.19 -2.16
C LEU A 17 -2.32 -10.41 -1.42
N LEU A 18 -2.33 -10.00 -0.16
CA LEU A 18 -3.47 -10.24 0.69
C LEU A 18 -4.68 -9.40 0.47
N LEU A 19 -4.47 -8.21 -0.12
CA LEU A 19 -5.56 -7.27 -0.36
C LEU A 19 -6.47 -7.66 -1.53
N ASN A 20 -6.12 -8.70 -2.27
CA ASN A 20 -6.97 -9.12 -3.38
C ASN A 20 -8.42 -9.40 -2.89
N PRO A 21 -9.42 -8.75 -3.50
CA PRO A 21 -10.82 -8.91 -3.12
C PRO A 21 -11.38 -10.33 -3.17
N GLU A 22 -10.70 -11.23 -3.89
CA GLU A 22 -11.21 -12.59 -3.92
C GLU A 22 -10.69 -13.38 -2.72
N ASN A 23 -9.81 -12.78 -1.92
CA ASN A 23 -9.36 -13.48 -0.73
C ASN A 23 -10.40 -13.36 0.36
N PRO A 24 -10.83 -14.48 0.91
CA PRO A 24 -11.82 -14.32 1.97
C PRO A 24 -11.16 -13.78 3.23
N ARG A 25 -12.00 -13.32 4.14
CA ARG A 25 -11.54 -12.79 5.39
C ARG A 25 -10.70 -13.86 6.09
N GLY A 26 -9.51 -13.49 6.53
CA GLY A 26 -8.68 -14.47 7.19
C GLY A 26 -7.61 -15.10 6.35
N THR A 27 -7.44 -14.66 5.11
CA THR A 27 -6.40 -15.23 4.25
C THR A 27 -5.11 -14.72 4.89
N PHE A 28 -4.09 -15.56 4.90
CA PHE A 28 -2.92 -15.16 5.64
C PHE A 28 -1.65 -15.77 5.12
N LEU A 29 -0.54 -15.25 5.63
CA LEU A 29 0.74 -15.81 5.33
C LEU A 29 1.66 -15.49 6.51
N VAL A 30 2.73 -16.26 6.62
CA VAL A 30 3.73 -16.01 7.65
C VAL A 30 4.99 -15.64 6.88
N ARG A 31 5.67 -14.60 7.37
CA ARG A 31 6.87 -14.12 6.72
C ARG A 31 7.93 -13.93 7.76
N GLU A 32 9.17 -13.76 7.29
CA GLU A 32 10.32 -13.63 8.17
C GLU A 32 10.96 -12.29 7.95
N SER A 33 11.59 -11.80 9.00
CA SER A 33 12.36 -10.57 8.95
C SER A 33 13.41 -10.78 7.86
N GLU A 34 13.78 -9.74 7.13
CA GLU A 34 14.81 -9.95 6.11
C GLU A 34 16.18 -10.24 6.71
N THR A 35 16.49 -9.60 7.84
CA THR A 35 17.78 -9.76 8.49
C THR A 35 17.83 -10.82 9.59
N THR A 36 16.81 -10.85 10.43
CA THR A 36 16.76 -11.77 11.56
C THR A 36 16.06 -13.10 11.30
N LYS A 37 16.86 -14.14 11.09
CA LYS A 37 16.32 -15.47 10.88
C LYS A 37 15.55 -15.85 12.13
N GLY A 38 14.40 -16.50 11.95
CA GLY A 38 13.62 -16.90 13.11
C GLY A 38 12.67 -15.85 13.67
N ALA A 39 12.74 -14.61 13.19
CA ALA A 39 11.84 -13.54 13.64
C ALA A 39 10.70 -13.52 12.63
N TYR A 40 9.49 -13.94 13.05
CA TYR A 40 8.36 -14.02 12.11
C TYR A 40 7.18 -13.09 12.36
N CYS A 41 6.40 -12.86 11.30
CA CYS A 41 5.20 -12.04 11.35
C CYS A 41 4.09 -12.81 10.69
N LEU A 42 2.90 -12.64 11.25
CA LEU A 42 1.72 -13.23 10.67
C LEU A 42 0.93 -12.07 10.01
N SER A 43 0.72 -12.15 8.70
CA SER A 43 0.00 -11.10 7.99
C SER A 43 -1.35 -11.65 7.59
N VAL A 44 -2.42 -10.95 7.94
CA VAL A 44 -3.77 -11.47 7.69
C VAL A 44 -4.75 -10.48 7.10
N SER A 45 -5.59 -10.94 6.16
CA SER A 45 -6.56 -10.04 5.55
C SER A 45 -7.82 -9.99 6.40
N ASP A 46 -8.45 -8.83 6.44
CA ASP A 46 -9.66 -8.69 7.22
C ASP A 46 -10.53 -7.68 6.54
N PHE A 47 -11.76 -7.58 7.02
CA PHE A 47 -12.68 -6.65 6.43
C PHE A 47 -13.67 -6.14 7.46
N ASP A 48 -13.99 -4.84 7.38
CA ASP A 48 -15.03 -4.32 8.25
C ASP A 48 -15.57 -3.07 7.55
N ASN A 49 -16.69 -2.51 7.99
CA ASN A 49 -17.15 -1.36 7.24
C ASN A 49 -16.52 -0.03 7.59
N ALA A 50 -15.46 -0.05 8.40
CA ALA A 50 -14.75 1.19 8.72
C ALA A 50 -13.54 1.23 7.78
N LYS A 51 -12.68 0.21 7.88
CA LYS A 51 -11.46 0.09 7.07
C LYS A 51 -11.63 -0.58 5.70
N GLY A 52 -12.73 -1.28 5.49
CA GLY A 52 -12.90 -2.00 4.24
C GLY A 52 -11.88 -3.13 4.25
N LEU A 53 -11.42 -3.57 3.09
CA LEU A 53 -10.39 -4.63 3.03
C LEU A 53 -9.10 -4.07 3.61
N ASN A 54 -8.50 -4.78 4.56
CA ASN A 54 -7.29 -4.30 5.16
C ASN A 54 -6.44 -5.48 5.60
N VAL A 55 -5.17 -5.21 5.90
CA VAL A 55 -4.25 -6.25 6.34
C VAL A 55 -3.69 -5.92 7.69
N LYS A 56 -3.75 -6.90 8.59
CA LYS A 56 -3.21 -6.74 9.92
C LYS A 56 -1.95 -7.57 10.01
N HIS A 57 -0.92 -7.00 10.65
CA HIS A 57 0.36 -7.67 10.81
C HIS A 57 0.67 -7.87 12.30
N TYR A 58 0.96 -9.11 12.67
CA TYR A 58 1.24 -9.44 14.06
C TYR A 58 2.65 -9.97 14.19
N LYS A 59 3.43 -9.37 15.10
CA LYS A 59 4.76 -9.89 15.32
C LYS A 59 4.58 -11.22 16.09
N ILE A 60 5.32 -12.24 15.68
CA ILE A 60 5.27 -13.53 16.37
C ILE A 60 6.48 -13.49 17.30
N ARG A 61 6.19 -13.18 18.56
CA ARG A 61 7.15 -13.07 19.66
C ARG A 61 7.69 -14.42 20.10
N LYS A 62 8.91 -14.41 20.59
CA LYS A 62 9.56 -15.64 21.03
C LYS A 62 9.88 -15.53 22.52
N LEU A 63 9.57 -16.54 23.31
CA LEU A 63 9.93 -16.47 24.73
C LEU A 63 11.38 -16.95 24.84
N ASP A 64 12.10 -16.50 25.85
CA ASP A 64 13.49 -16.97 25.98
C ASP A 64 13.50 -18.48 26.22
N SER A 65 12.53 -18.96 26.98
CA SER A 65 12.40 -20.37 27.30
C SER A 65 11.96 -21.17 26.07
N GLY A 66 11.92 -20.50 24.93
CA GLY A 66 11.48 -21.14 23.70
C GLY A 66 9.98 -20.90 23.63
N GLY A 67 9.41 -21.04 22.44
CA GLY A 67 7.98 -20.83 22.33
C GLY A 67 7.66 -19.62 21.48
N PHE A 68 6.44 -19.59 20.95
CA PHE A 68 5.99 -18.52 20.04
C PHE A 68 4.64 -17.97 20.49
N TYR A 69 4.39 -16.68 20.27
CA TYR A 69 3.05 -16.19 20.58
C TYR A 69 2.76 -14.89 19.85
N ILE A 70 1.47 -14.65 19.58
CA ILE A 70 1.10 -13.36 19.02
C ILE A 70 0.44 -12.50 20.13
N THR A 71 -0.03 -13.14 21.20
CA THR A 71 -0.54 -12.43 22.38
C THR A 71 0.03 -13.24 23.54
N SER A 72 0.63 -12.57 24.51
CA SER A 72 1.32 -13.27 25.59
C SER A 72 0.53 -14.32 26.39
N ARG A 73 -0.78 -14.17 26.49
CA ARG A 73 -1.56 -15.16 27.24
C ARG A 73 -1.74 -16.53 26.58
N THR A 74 -1.36 -16.65 25.31
CA THR A 74 -1.51 -17.90 24.55
C THR A 74 -0.18 -18.26 23.85
N GLN A 75 0.54 -19.20 24.48
CA GLN A 75 1.86 -19.66 24.06
C GLN A 75 1.87 -20.96 23.30
N PHE A 76 2.74 -21.03 22.29
CA PHE A 76 2.83 -22.23 21.45
C PHE A 76 4.27 -22.72 21.39
N SER A 77 4.42 -24.01 21.18
CA SER A 77 5.76 -24.62 21.09
C SER A 77 6.36 -24.50 19.69
N SER A 78 5.54 -24.17 18.70
CA SER A 78 6.01 -24.04 17.34
C SER A 78 5.10 -23.17 16.49
N LEU A 79 5.59 -22.76 15.32
CA LEU A 79 4.83 -21.98 14.37
C LEU A 79 3.62 -22.76 13.87
N GLN A 80 3.83 -24.04 13.58
CA GLN A 80 2.71 -24.85 13.09
C GLN A 80 1.62 -24.94 14.15
N GLN A 81 1.99 -25.04 15.42
CA GLN A 81 0.96 -25.15 16.47
C GLN A 81 0.15 -23.85 16.51
N LEU A 82 0.86 -22.74 16.48
CA LEU A 82 0.21 -21.44 16.50
C LEU A 82 -0.75 -21.27 15.29
N VAL A 83 -0.25 -21.54 14.08
CA VAL A 83 -1.06 -21.36 12.87
C VAL A 83 -2.27 -22.29 12.91
N ALA A 84 -2.03 -23.52 13.38
CA ALA A 84 -3.10 -24.49 13.47
C ALA A 84 -4.20 -24.00 14.42
N TYR A 85 -3.78 -23.45 15.56
CA TYR A 85 -4.72 -22.94 16.55
C TYR A 85 -5.59 -21.80 16.04
N TYR A 86 -4.97 -20.77 15.46
CA TYR A 86 -5.74 -19.61 15.00
C TYR A 86 -6.56 -19.88 13.75
N SER A 87 -6.28 -21.03 13.10
CA SER A 87 -7.05 -21.45 11.95
C SER A 87 -8.37 -22.07 12.46
N LYS A 88 -8.38 -22.50 13.72
CA LYS A 88 -9.59 -23.07 14.34
C LYS A 88 -10.39 -22.09 15.18
N HIS A 89 -9.69 -21.11 15.78
CA HIS A 89 -10.36 -20.13 16.63
C HIS A 89 -9.78 -18.73 16.44
N ALA A 90 -10.64 -17.73 16.33
CA ALA A 90 -10.14 -16.35 16.20
C ALA A 90 -9.44 -16.01 17.54
N ASP A 91 -10.08 -16.39 18.65
CA ASP A 91 -9.57 -16.19 20.00
C ASP A 91 -8.96 -14.81 20.24
N GLY A 92 -9.61 -13.77 19.77
CA GLY A 92 -9.05 -12.44 19.96
C GLY A 92 -8.79 -11.77 18.62
N LEU A 93 -8.36 -12.53 17.61
CA LEU A 93 -8.18 -11.99 16.26
C LEU A 93 -9.60 -11.58 15.82
N CYS A 94 -9.71 -10.78 14.76
CA CYS A 94 -11.05 -10.36 14.33
C CYS A 94 -11.74 -11.51 13.61
N HIS A 95 -10.94 -12.46 13.13
CA HIS A 95 -11.47 -13.62 12.40
C HIS A 95 -10.43 -14.72 12.43
N ARG A 96 -10.87 -15.97 12.42
CA ARG A 96 -9.93 -17.06 12.42
C ARG A 96 -9.24 -17.08 11.06
N LEU A 97 -8.06 -17.68 11.02
CA LEU A 97 -7.30 -17.79 9.78
C LEU A 97 -8.07 -18.76 8.89
N THR A 98 -8.13 -18.45 7.60
CA THR A 98 -8.86 -19.30 6.66
C THR A 98 -7.97 -19.82 5.52
N ASN A 99 -8.03 -19.16 4.37
CA ASN A 99 -7.25 -19.61 3.22
C ASN A 99 -5.77 -19.26 3.32
N VAL A 100 -4.93 -20.18 2.88
CA VAL A 100 -3.52 -19.85 2.86
C VAL A 100 -3.52 -18.85 1.70
N CYS A 101 -2.68 -17.82 1.80
CA CYS A 101 -2.63 -16.85 0.72
C CYS A 101 -2.22 -17.49 -0.60
N PRO A 102 -3.03 -17.30 -1.64
CA PRO A 102 -2.70 -17.89 -2.95
C PRO A 102 -1.67 -17.04 -3.74
N ALA B 1 14.60 22.93 -13.03
CA ALA B 1 14.32 21.49 -13.32
C ALA B 1 14.10 20.65 -12.05
N GLU B 2 12.86 20.57 -11.61
CA GLU B 2 12.50 19.82 -10.40
C GLU B 2 12.77 18.31 -10.48
N GLU B 3 13.05 17.65 -9.36
CA GLU B 3 13.35 16.23 -9.36
C GLU B 3 12.17 15.42 -9.87
N TRP B 4 10.99 15.93 -9.58
CA TRP B 4 9.74 15.27 -9.97
C TRP B 4 9.22 15.66 -11.33
N TYR B 5 9.94 16.55 -12.01
CA TYR B 5 9.48 17.00 -13.31
C TYR B 5 10.09 16.21 -14.44
N PHE B 6 9.25 15.52 -15.21
CA PHE B 6 9.73 14.68 -16.30
C PHE B 6 9.48 15.12 -17.74
N GLY B 7 9.12 16.38 -17.92
CA GLY B 7 8.93 16.92 -19.27
C GLY B 7 7.84 16.17 -19.98
N LYS B 8 8.03 15.92 -21.29
CA LYS B 8 7.00 15.27 -22.12
C LYS B 8 7.01 13.75 -22.13
N ILE B 9 7.43 13.14 -21.03
CA ILE B 9 7.42 11.68 -20.94
C ILE B 9 5.97 11.22 -21.21
N THR B 10 5.83 10.10 -21.91
CA THR B 10 4.48 9.65 -22.24
C THR B 10 3.78 8.98 -21.07
N ARG B 11 2.46 8.81 -21.20
CA ARG B 11 1.70 8.12 -20.17
C ARG B 11 2.28 6.72 -19.91
N ARG B 12 2.54 5.99 -20.98
CA ARG B 12 3.02 4.64 -20.88
C ARG B 12 4.38 4.58 -20.18
N GLU B 13 5.29 5.47 -20.57
CA GLU B 13 6.59 5.47 -19.94
C GLU B 13 6.51 5.89 -18.48
N SER B 14 5.58 6.78 -18.15
CA SER B 14 5.43 7.22 -16.78
C SER B 14 4.99 6.00 -15.97
N GLU B 15 4.10 5.20 -16.54
CA GLU B 15 3.64 4.01 -15.80
C GLU B 15 4.76 3.00 -15.65
N ARG B 16 5.57 2.82 -16.69
CA ARG B 16 6.68 1.90 -16.55
C ARG B 16 7.62 2.30 -15.42
N LEU B 17 7.79 3.59 -15.22
CA LEU B 17 8.62 4.06 -14.15
C LEU B 17 7.92 3.93 -12.79
N LEU B 18 6.67 4.38 -12.74
CA LEU B 18 5.92 4.37 -11.48
C LEU B 18 5.46 3.01 -10.97
N LEU B 19 5.30 2.06 -11.86
CA LEU B 19 4.87 0.74 -11.45
C LEU B 19 6.01 -0.10 -10.88
N ASN B 20 7.20 0.49 -10.79
CA ASN B 20 8.38 -0.21 -10.25
C ASN B 20 8.04 -0.65 -8.82
N PRO B 21 8.19 -1.96 -8.53
CA PRO B 21 7.89 -2.51 -7.21
C PRO B 21 8.56 -1.85 -6.04
N GLU B 22 9.70 -1.19 -6.28
CA GLU B 22 10.42 -0.50 -5.26
C GLU B 22 9.65 0.70 -4.74
N ASN B 23 8.71 1.18 -5.54
CA ASN B 23 7.99 2.39 -5.15
C ASN B 23 6.88 2.30 -4.14
N PRO B 24 6.94 3.15 -3.12
CA PRO B 24 5.86 3.12 -2.15
C PRO B 24 4.64 3.79 -2.82
N ARG B 25 3.48 3.59 -2.23
CA ARG B 25 2.28 4.20 -2.70
C ARG B 25 2.51 5.72 -2.65
N GLY B 26 2.05 6.45 -3.67
CA GLY B 26 2.25 7.90 -3.65
C GLY B 26 3.45 8.40 -4.46
N THR B 27 4.26 7.50 -5.01
CA THR B 27 5.40 7.90 -5.83
C THR B 27 4.84 8.60 -7.04
N PHE B 28 5.46 9.69 -7.43
CA PHE B 28 4.81 10.48 -8.50
C PHE B 28 5.76 11.24 -9.38
N LEU B 29 5.19 11.80 -10.44
CA LEU B 29 5.98 12.69 -11.31
C LEU B 29 4.98 13.61 -11.99
N VAL B 30 5.49 14.72 -12.51
CA VAL B 30 4.68 15.67 -13.25
C VAL B 30 5.20 15.65 -14.70
N ARG B 31 4.30 15.62 -15.66
CA ARG B 31 4.68 15.61 -17.06
C ARG B 31 3.88 16.64 -17.83
N GLU B 32 4.42 17.01 -18.98
CA GLU B 32 3.80 18.01 -19.83
C GLU B 32 3.16 17.34 -21.03
N SER B 33 2.10 17.95 -21.54
CA SER B 33 1.44 17.47 -22.73
C SER B 33 2.40 17.54 -23.91
N GLU B 34 2.33 16.52 -24.76
CA GLU B 34 3.16 16.43 -25.96
C GLU B 34 2.79 17.57 -26.92
N THR B 35 1.48 17.72 -27.15
CA THR B 35 0.93 18.73 -28.06
C THR B 35 0.55 20.11 -27.48
N THR B 36 0.07 20.14 -26.25
CA THR B 36 -0.34 21.41 -25.64
C THR B 36 0.69 21.99 -24.68
N LYS B 37 1.46 22.95 -25.17
CA LYS B 37 2.49 23.61 -24.36
C LYS B 37 1.83 24.16 -23.09
N GLY B 38 2.44 23.92 -21.93
CA GLY B 38 1.86 24.41 -20.69
C GLY B 38 0.71 23.62 -20.04
N ALA B 39 0.33 22.49 -20.62
CA ALA B 39 -0.73 21.64 -20.04
C ALA B 39 0.04 20.50 -19.36
N TYR B 40 -0.19 20.29 -18.06
CA TYR B 40 0.52 19.27 -17.29
C TYR B 40 -0.41 18.25 -16.67
N CYS B 41 0.17 17.12 -16.27
CA CYS B 41 -0.52 16.03 -15.59
C CYS B 41 0.33 15.56 -14.42
N LEU B 42 -0.37 15.10 -13.38
CA LEU B 42 0.29 14.54 -12.22
C LEU B 42 0.03 13.02 -12.31
N SER B 43 1.09 12.20 -12.33
CA SER B 43 0.95 10.73 -12.41
C SER B 43 1.43 10.17 -11.09
N VAL B 44 0.59 9.36 -10.43
CA VAL B 44 0.88 8.85 -9.10
C VAL B 44 0.64 7.33 -8.95
N SER B 45 1.57 6.62 -8.30
CA SER B 45 1.42 5.18 -8.08
C SER B 45 0.38 4.97 -6.99
N ASP B 46 -0.46 3.94 -7.16
CA ASP B 46 -1.53 3.67 -6.19
C ASP B 46 -1.75 2.15 -6.20
N PHE B 47 -2.69 1.72 -5.38
CA PHE B 47 -3.05 0.33 -5.29
C PHE B 47 -4.53 0.23 -5.08
N ASP B 48 -5.17 -0.55 -5.93
CA ASP B 48 -6.60 -0.79 -5.82
C ASP B 48 -6.59 -2.29 -5.50
N ASN B 49 -7.18 -2.67 -4.38
CA ASN B 49 -7.20 -4.06 -3.98
C ASN B 49 -7.72 -5.00 -5.06
N ALA B 50 -8.67 -4.44 -5.82
CA ALA B 50 -9.42 -5.09 -6.90
C ALA B 50 -8.83 -4.81 -8.30
N LYS B 51 -7.67 -4.18 -8.32
CA LYS B 51 -6.96 -3.78 -9.52
C LYS B 51 -5.45 -3.98 -9.38
N GLY B 52 -5.06 -4.01 -8.09
CA GLY B 52 -3.65 -4.19 -7.81
C GLY B 52 -2.96 -2.88 -8.07
N LEU B 53 -1.67 -2.97 -8.33
CA LEU B 53 -0.89 -1.79 -8.59
C LEU B 53 -1.47 -1.05 -9.75
N ASN B 54 -1.53 0.26 -9.64
CA ASN B 54 -2.02 1.01 -10.76
C ASN B 54 -1.44 2.41 -10.68
N VAL B 55 -1.61 3.15 -11.76
CA VAL B 55 -1.13 4.55 -11.78
C VAL B 55 -2.35 5.45 -12.03
N LYS B 56 -2.51 6.48 -11.20
CA LYS B 56 -3.60 7.42 -11.38
C LYS B 56 -3.03 8.66 -12.06
N HIS B 57 -3.78 9.17 -13.04
CA HIS B 57 -3.31 10.33 -13.80
C HIS B 57 -4.32 11.45 -13.67
N TYR B 58 -3.84 12.61 -13.22
CA TYR B 58 -4.66 13.79 -13.02
C TYR B 58 -4.23 14.89 -13.95
N LYS B 59 -5.20 15.46 -14.65
CA LYS B 59 -4.87 16.58 -15.49
C LYS B 59 -4.80 17.77 -14.54
N ILE B 60 -3.75 18.56 -14.71
CA ILE B 60 -3.59 19.78 -13.92
C ILE B 60 -4.13 20.90 -14.78
N ARG B 61 -5.28 21.40 -14.36
CA ARG B 61 -5.95 22.48 -15.10
C ARG B 61 -5.46 23.83 -14.61
N LYS B 62 -5.71 24.84 -15.40
CA LYS B 62 -5.32 26.19 -15.06
C LYS B 62 -6.27 27.10 -15.79
N LEU B 63 -7.02 27.89 -15.03
CA LEU B 63 -7.93 28.83 -15.65
C LEU B 63 -7.35 30.23 -15.51
N ASP B 64 -7.74 31.11 -16.41
CA ASP B 64 -7.28 32.49 -16.42
C ASP B 64 -7.73 33.24 -15.17
N SER B 65 -8.84 32.80 -14.61
CA SER B 65 -9.44 33.40 -13.42
C SER B 65 -8.90 32.87 -12.09
N GLY B 66 -7.93 31.96 -12.14
CA GLY B 66 -7.39 31.43 -10.91
C GLY B 66 -6.05 30.72 -11.06
N GLY B 67 -5.84 29.66 -10.28
CA GLY B 67 -4.57 28.95 -10.35
C GLY B 67 -4.63 27.52 -10.88
N PHE B 68 -3.53 26.80 -10.73
CA PHE B 68 -3.42 25.40 -11.16
C PHE B 68 -4.23 24.55 -10.21
N TYR B 69 -4.80 23.46 -10.73
CA TYR B 69 -5.57 22.55 -9.86
C TYR B 69 -5.77 21.16 -10.43
N ILE B 70 -5.96 20.19 -9.53
CA ILE B 70 -6.31 18.84 -9.94
C ILE B 70 -7.75 18.64 -9.50
N THR B 71 -8.23 19.47 -8.55
CA THR B 71 -9.64 19.49 -8.17
C THR B 71 -9.99 20.98 -8.05
N SER B 72 -11.06 21.43 -8.70
CA SER B 72 -11.31 22.86 -8.73
C SER B 72 -11.43 23.64 -7.45
N ARG B 73 -11.84 22.98 -6.37
CA ARG B 73 -11.99 23.67 -5.11
C ARG B 73 -10.66 24.12 -4.51
N THR B 74 -9.54 23.61 -5.01
CA THR B 74 -8.23 23.93 -4.42
C THR B 74 -7.23 24.37 -5.48
N GLN B 75 -6.84 25.64 -5.43
CA GLN B 75 -5.93 26.15 -6.49
C GLN B 75 -4.59 26.61 -5.97
N PHE B 76 -3.63 26.67 -6.89
CA PHE B 76 -2.24 27.00 -6.59
C PHE B 76 -1.61 27.92 -7.61
N SER B 77 -0.72 28.77 -7.11
CA SER B 77 -0.01 29.74 -7.93
C SER B 77 1.03 29.15 -8.85
N SER B 78 1.47 27.92 -8.56
CA SER B 78 2.49 27.27 -9.36
C SER B 78 2.41 25.77 -9.17
N LEU B 79 3.08 25.07 -10.09
CA LEU B 79 3.13 23.61 -10.00
C LEU B 79 3.86 23.21 -8.73
N GLN B 80 4.95 23.92 -8.39
CA GLN B 80 5.72 23.57 -7.20
C GLN B 80 4.83 23.64 -5.96
N GLN B 81 4.00 24.68 -5.87
CA GLN B 81 3.12 24.80 -4.71
C GLN B 81 2.08 23.64 -4.66
N LEU B 82 1.52 23.30 -5.82
CA LEU B 82 0.59 22.18 -5.89
C LEU B 82 1.26 20.88 -5.41
N VAL B 83 2.46 20.57 -5.92
CA VAL B 83 3.14 19.35 -5.52
C VAL B 83 3.45 19.34 -4.04
N ALA B 84 3.93 20.46 -3.52
CA ALA B 84 4.25 20.55 -2.10
C ALA B 84 2.99 20.27 -1.25
N TYR B 85 1.87 20.82 -1.68
CA TYR B 85 0.63 20.67 -0.95
C TYR B 85 0.17 19.22 -0.85
N TYR B 86 0.12 18.54 -1.99
CA TYR B 86 -0.32 17.15 -1.98
C TYR B 86 0.70 16.19 -1.41
N SER B 87 1.94 16.67 -1.22
CA SER B 87 2.97 15.87 -0.57
C SER B 87 2.73 15.89 0.96
N LYS B 88 2.07 16.94 1.42
CA LYS B 88 1.79 17.17 2.83
C LYS B 88 0.53 16.43 3.24
N HIS B 89 -0.47 16.40 2.35
CA HIS B 89 -1.70 15.69 2.68
C HIS B 89 -2.50 15.35 1.44
N ALA B 90 -3.12 14.19 1.48
CA ALA B 90 -3.86 13.69 0.34
C ALA B 90 -4.97 14.64 -0.09
N ASP B 91 -5.69 15.17 0.89
CA ASP B 91 -6.79 16.09 0.63
C ASP B 91 -7.71 15.65 -0.50
N GLY B 92 -8.03 14.37 -0.56
CA GLY B 92 -8.94 13.94 -1.62
C GLY B 92 -8.33 12.89 -2.49
N LEU B 93 -7.01 12.94 -2.65
CA LEU B 93 -6.26 11.92 -3.37
C LEU B 93 -6.41 10.65 -2.51
N CYS B 94 -6.08 9.49 -3.08
CA CYS B 94 -6.17 8.25 -2.30
C CYS B 94 -5.03 8.18 -1.30
N HIS B 95 -3.93 8.88 -1.59
CA HIS B 95 -2.77 8.88 -0.71
C HIS B 95 -2.00 10.12 -1.04
N ARG B 96 -1.30 10.68 -0.06
CA ARG B 96 -0.50 11.85 -0.32
C ARG B 96 0.66 11.45 -1.23
N LEU B 97 1.26 12.45 -1.84
CA LEU B 97 2.41 12.19 -2.72
C LEU B 97 3.57 11.90 -1.80
N THR B 98 4.37 10.90 -2.16
CA THR B 98 5.46 10.56 -1.29
C THR B 98 6.76 10.79 -2.03
N ASN B 99 7.15 9.91 -2.91
CA ASN B 99 8.39 10.27 -3.51
C ASN B 99 8.44 10.52 -4.98
N VAL B 100 9.40 11.39 -5.26
CA VAL B 100 9.71 11.77 -6.60
C VAL B 100 10.18 10.47 -7.23
N CYS B 101 9.62 10.17 -8.39
CA CYS B 101 10.01 9.01 -9.15
C CYS B 101 11.50 9.23 -9.45
N PRO B 102 12.35 8.17 -9.46
CA PRO B 102 12.12 6.74 -9.24
C PRO B 102 11.32 6.38 -8.02
N CYS C 1 -6.93 9.51 -22.38
CA CYS C 1 -6.96 8.13 -21.91
C CYS C 1 -7.66 8.08 -20.60
N ASP C 2 -7.31 7.16 -19.70
CA ASP C 2 -8.02 7.04 -18.41
C ASP C 2 -7.65 7.91 -17.25
N ALA C 4 -8.04 10.44 -13.71
CA ALA C 4 -8.78 10.43 -12.45
C ALA C 4 -9.27 11.79 -11.98
N ASN C 5 -10.24 11.77 -11.06
CA ASN C 5 -10.82 12.97 -10.46
C ASN C 5 -11.30 12.63 -9.06
N PHE C 6 -11.39 13.66 -8.23
CA PHE C 6 -11.91 13.49 -6.89
C PHE C 6 -12.65 14.77 -6.45
N LYS C 7 -13.51 14.61 -5.44
CA LYS C 7 -14.28 15.72 -4.90
C LYS C 7 -13.42 16.67 -4.10
N CYS D 1 5.35 0.11 8.84
CA CYS D 1 4.60 0.93 9.84
C CYS D 1 4.08 0.07 11.00
N ASP D 2 2.77 -0.02 11.18
CA ASP D 2 2.26 -0.81 12.29
C ASP D 2 1.32 -2.00 12.03
N ALA D 4 -0.42 -5.02 14.61
CA ALA D 4 -1.61 -5.11 15.42
C ALA D 4 -1.33 -5.92 16.70
N ASN D 5 -2.23 -5.79 17.65
CA ASN D 5 -2.12 -6.54 18.87
C ASN D 5 -3.56 -6.80 19.33
N PHE D 6 -3.74 -7.76 20.24
CA PHE D 6 -5.06 -8.01 20.80
C PHE D 6 -4.90 -8.54 22.20
N LYS D 7 -5.93 -8.36 23.01
CA LYS D 7 -5.91 -8.83 24.40
C LYS D 7 -6.13 -10.34 24.50
#